data_5J6U
#
_entry.id   5J6U
#
_entity_poly.entity_id   1
_entity_poly.type   'polydeoxyribonucleotide'
_entity_poly.pdbx_seq_one_letter_code
;(DG)(DG)(DG)(DG)(DT)(DT)(DT)(DG)(DG)(DG)(DG)(DT)(DT)(DT)(DT)(DG)(DG)(DG)(DG)(DA)
(DA)(DG)(DG)(DG)(DG)
;
_entity_poly.pdbx_strand_id   A
#